data_2V27
#
_entry.id   2V27
#
_cell.length_a   40.280
_cell.length_b   86.020
_cell.length_c   87.570
_cell.angle_alpha   90.00
_cell.angle_beta   97.01
_cell.angle_gamma   90.00
#
_symmetry.space_group_name_H-M   'P 1 21 1'
#
loop_
_entity.id
_entity.type
_entity.pdbx_description
1 polymer 'PHENYLALANINE HYDROXYLASE'
2 non-polymer 'FE (III) ION'
3 non-polymer 'SULFATE ION'
4 water water
#
_entity_poly.entity_id   1
_entity_poly.type   'polypeptide(L)'
_entity_poly.pdbx_seq_one_letter_code
;MAKGTKYVSKVPDEHGFIEWSTEENLIWQELFTRQIACIKDKACDEYHEGLAKLNLPTDRIPQLDEVSKVLKVSTGWECY
PVPALIGFGEFFRLLSEKKFPVATFIRSREEMDYLQEPDIFHEIFGHCPLLTNSSFANYTEAYGKMGLNATKEQRVFLAR
LYWFTIEFGLLDTPKGLRIYGGGVLSSPGETDYAMNNTDVDRKPFDILDVLRTPYRIDIMQPIYYMLTKVSDLDEIRKFE
VDDIMELVAQAEALGLHEAKFPVKKASLEHHHHHH
;
_entity_poly.pdbx_strand_id   A,B
#
loop_
_chem_comp.id
_chem_comp.type
_chem_comp.name
_chem_comp.formula
FE non-polymer 'FE (III) ION' 'Fe 3'
SO4 non-polymer 'SULFATE ION' 'O4 S -2'
#
# COMPACT_ATOMS: atom_id res chain seq x y z
N GLY A 4 -2.99 -8.59 -14.69
CA GLY A 4 -4.13 -7.63 -14.71
C GLY A 4 -5.10 -8.03 -15.80
N THR A 5 -5.69 -7.03 -16.47
CA THR A 5 -6.51 -7.23 -17.68
C THR A 5 -6.57 -5.92 -18.44
N LYS A 6 -6.55 -6.01 -19.77
CA LYS A 6 -6.66 -4.79 -20.59
C LYS A 6 -8.06 -4.68 -21.18
N TYR A 7 -8.78 -3.68 -20.71
CA TYR A 7 -10.16 -3.50 -21.08
C TYR A 7 -10.28 -2.55 -22.25
N VAL A 8 -11.37 -2.69 -23.00
CA VAL A 8 -11.69 -1.86 -24.18
C VAL A 8 -13.17 -1.43 -24.12
N SER A 9 -13.44 -0.14 -24.32
CA SER A 9 -14.80 0.34 -24.42
C SER A 9 -15.57 -0.36 -25.50
N LYS A 10 -16.79 -0.82 -25.20
CA LYS A 10 -17.72 -1.27 -26.25
C LYS A 10 -18.12 -0.06 -27.03
N VAL A 11 -18.20 -0.20 -28.37
CA VAL A 11 -18.56 0.97 -29.21
C VAL A 11 -20.08 1.09 -29.38
N PRO A 12 -20.68 2.22 -28.91
CA PRO A 12 -22.13 2.35 -29.06
C PRO A 12 -22.48 2.40 -30.53
N ASP A 13 -23.60 1.80 -30.92
CA ASP A 13 -24.05 1.87 -32.32
C ASP A 13 -24.46 3.30 -32.70
N GLU A 14 -24.89 3.49 -33.96
CA GLU A 14 -25.31 4.80 -34.34
C GLU A 14 -26.60 5.93 -33.46
N HIS A 15 -27.12 5.04 -32.63
CA HIS A 15 -28.16 5.37 -31.65
C HIS A 15 -27.61 5.48 -30.22
N GLY A 16 -26.34 5.13 -30.03
CA GLY A 16 -25.73 5.11 -28.68
C GLY A 16 -26.02 3.85 -27.88
N PHE A 17 -26.53 2.80 -28.56
CA PHE A 17 -26.94 1.58 -27.86
C PHE A 17 -25.78 0.62 -27.76
N ILE A 18 -25.62 -0.01 -26.59
CA ILE A 18 -24.61 -1.03 -26.37
C ILE A 18 -25.26 -2.34 -25.99
N GLU A 19 -24.82 -3.40 -26.66
CA GLU A 19 -25.43 -4.69 -26.45
C GLU A 19 -24.59 -5.38 -25.37
N TRP A 20 -25.08 -5.30 -24.15
CA TRP A 20 -24.43 -6.01 -23.04
C TRP A 20 -24.89 -7.46 -23.00
N SER A 21 -23.99 -8.37 -22.70
CA SER A 21 -24.35 -9.78 -22.56
C SER A 21 -25.05 -10.15 -21.27
N THR A 22 -25.66 -11.33 -21.21
N THR A 22 -25.70 -11.31 -21.26
CA THR A 22 -26.27 -11.77 -19.95
CA THR A 22 -26.25 -11.85 -20.04
C THR A 22 -25.23 -11.96 -18.84
C THR A 22 -25.19 -11.82 -18.94
N GLU A 23 -24.04 -12.40 -19.23
CA GLU A 23 -22.90 -12.47 -18.29
C GLU A 23 -22.55 -11.06 -17.76
N GLU A 24 -22.40 -10.08 -18.64
CA GLU A 24 -22.10 -8.70 -18.17
C GLU A 24 -23.19 -8.14 -17.27
N ASN A 25 -24.45 -8.39 -17.60
CA ASN A 25 -25.53 -7.96 -16.66
C ASN A 25 -25.49 -8.66 -15.33
N LEU A 26 -25.15 -9.96 -15.30
CA LEU A 26 -25.03 -10.68 -14.03
C LEU A 26 -23.91 -10.09 -13.19
N ILE A 27 -22.82 -9.65 -13.82
CA ILE A 27 -21.71 -9.02 -13.07
C ILE A 27 -22.21 -7.70 -12.48
N TRP A 28 -22.88 -6.88 -13.28
CA TRP A 28 -23.51 -5.65 -12.69
C TRP A 28 -24.44 -6.02 -11.52
N GLN A 29 -25.31 -7.02 -11.69
CA GLN A 29 -26.24 -7.37 -10.63
C GLN A 29 -25.52 -7.78 -9.34
N GLU A 30 -24.45 -8.55 -9.49
CA GLU A 30 -23.71 -8.96 -8.28
C GLU A 30 -23.05 -7.75 -7.62
N LEU A 31 -22.44 -6.88 -8.42
CA LEU A 31 -21.77 -5.68 -7.86
C LEU A 31 -22.78 -4.75 -7.17
N PHE A 32 -23.94 -4.59 -7.78
CA PHE A 32 -24.98 -3.70 -7.27
C PHE A 32 -25.57 -4.28 -5.98
N THR A 33 -25.93 -5.55 -5.98
N THR A 33 -25.98 -5.54 -6.02
CA THR A 33 -26.60 -6.12 -4.80
CA THR A 33 -26.55 -6.19 -4.84
C THR A 33 -25.63 -6.28 -3.62
C THR A 33 -25.60 -6.06 -3.70
N ARG A 34 -24.34 -6.47 -3.90
CA ARG A 34 -23.40 -6.55 -2.75
C ARG A 34 -23.18 -5.14 -2.15
N GLN A 35 -23.17 -4.12 -3.01
CA GLN A 35 -22.81 -2.77 -2.58
C GLN A 35 -23.97 -2.07 -1.89
N ILE A 36 -25.18 -2.20 -2.42
N ILE A 36 -25.18 -2.26 -2.42
CA ILE A 36 -26.35 -1.52 -1.83
CA ILE A 36 -26.33 -1.53 -1.91
C ILE A 36 -26.42 -1.90 -0.38
C ILE A 36 -26.62 -1.94 -0.47
N ALA A 37 -26.28 -3.21 -0.15
CA ALA A 37 -26.16 -3.77 1.20
C ALA A 37 -25.02 -3.11 1.97
N CYS A 38 -23.84 -2.99 1.38
CA CYS A 38 -22.69 -2.36 2.09
C CYS A 38 -23.01 -0.89 2.56
N ILE A 39 -23.72 -0.11 1.73
CA ILE A 39 -23.80 1.35 1.98
C ILE A 39 -25.11 1.95 2.50
N LYS A 40 -26.14 1.13 2.77
CA LYS A 40 -27.40 1.69 3.31
C LYS A 40 -27.26 2.74 4.46
N ASP A 41 -26.34 2.48 5.41
CA ASP A 41 -26.13 3.36 6.53
C ASP A 41 -24.72 3.93 6.56
N LYS A 42 -24.10 3.95 5.37
CA LYS A 42 -22.73 4.45 5.22
C LYS A 42 -22.60 5.55 4.15
N ALA A 43 -23.27 5.35 3.00
CA ALA A 43 -23.31 6.45 2.03
C ALA A 43 -24.05 7.64 2.62
N CYS A 44 -23.63 8.85 2.27
CA CYS A 44 -24.36 10.04 2.73
C CYS A 44 -25.79 10.20 2.15
N ASP A 45 -26.57 11.01 2.86
CA ASP A 45 -27.99 11.21 2.49
C ASP A 45 -28.10 11.76 1.05
N GLU A 46 -27.15 12.64 0.70
CA GLU A 46 -27.15 13.21 -0.65
C GLU A 46 -26.98 12.14 -1.72
N TYR A 47 -26.13 11.16 -1.43
CA TYR A 47 -25.92 10.06 -2.39
C TYR A 47 -27.20 9.20 -2.53
N HIS A 48 -27.79 8.83 -1.40
CA HIS A 48 -29.08 8.12 -1.47
C HIS A 48 -30.14 8.87 -2.24
N GLU A 49 -30.17 10.19 -2.11
CA GLU A 49 -31.18 10.97 -2.84
C GLU A 49 -30.83 10.88 -4.33
N GLY A 50 -29.52 10.90 -4.60
CA GLY A 50 -29.15 10.73 -6.01
C GLY A 50 -29.53 9.37 -6.59
N LEU A 51 -29.42 8.30 -5.79
CA LEU A 51 -29.88 6.98 -6.26
C LEU A 51 -31.37 7.01 -6.52
N ALA A 52 -32.15 7.70 -5.68
CA ALA A 52 -33.60 7.80 -5.91
C ALA A 52 -33.88 8.50 -7.25
N LYS A 53 -33.12 9.56 -7.51
CA LYS A 53 -33.31 10.29 -8.79
C LYS A 53 -32.91 9.45 -10.01
N LEU A 54 -31.85 8.63 -9.92
CA LEU A 54 -31.39 7.83 -11.07
C LEU A 54 -32.24 6.58 -11.29
N ASN A 55 -32.77 5.99 -10.21
CA ASN A 55 -33.53 4.76 -10.26
C ASN A 55 -32.85 3.72 -11.19
N LEU A 56 -31.57 3.46 -10.90
CA LEU A 56 -30.81 2.53 -11.72
C LEU A 56 -31.43 1.13 -11.70
N PRO A 57 -31.26 0.37 -12.81
CA PRO A 57 -31.67 -1.06 -12.83
C PRO A 57 -30.72 -1.86 -11.92
N THR A 58 -31.27 -2.82 -11.17
CA THR A 58 -30.45 -3.59 -10.27
C THR A 58 -29.88 -4.84 -10.95
N ASP A 59 -30.41 -5.18 -12.13
CA ASP A 59 -30.15 -6.47 -12.75
C ASP A 59 -29.59 -6.39 -14.16
N ARG A 60 -29.24 -5.19 -14.62
N ARG A 60 -29.31 -5.18 -14.63
CA ARG A 60 -28.64 -5.03 -15.94
CA ARG A 60 -28.73 -4.98 -15.98
C ARG A 60 -27.95 -3.69 -16.02
C ARG A 60 -27.93 -3.69 -15.99
N ILE A 61 -26.98 -3.61 -16.90
CA ILE A 61 -26.24 -2.39 -17.07
C ILE A 61 -27.10 -1.36 -17.83
N PRO A 62 -27.28 -0.17 -17.24
CA PRO A 62 -28.14 0.82 -17.93
C PRO A 62 -27.46 1.38 -19.17
N GLN A 63 -28.26 1.74 -20.18
CA GLN A 63 -27.72 2.48 -21.30
C GLN A 63 -27.35 3.87 -20.82
N LEU A 64 -26.28 4.45 -21.38
CA LEU A 64 -25.83 5.75 -20.91
C LEU A 64 -26.94 6.79 -21.07
N ASP A 65 -27.75 6.67 -22.14
CA ASP A 65 -28.88 7.62 -22.33
C ASP A 65 -29.86 7.62 -21.16
N GLU A 66 -30.10 6.46 -20.54
CA GLU A 66 -31.02 6.40 -19.41
C GLU A 66 -30.45 7.21 -18.22
N VAL A 67 -29.13 7.19 -18.03
CA VAL A 67 -28.52 7.95 -16.97
C VAL A 67 -28.51 9.46 -17.32
N SER A 68 -28.06 9.75 -18.56
CA SER A 68 -27.98 11.11 -19.00
C SER A 68 -29.32 11.87 -18.93
N LYS A 69 -30.42 11.15 -19.27
CA LYS A 69 -31.74 11.79 -19.22
C LYS A 69 -31.97 12.39 -17.84
N VAL A 70 -31.59 11.65 -16.81
N VAL A 70 -31.58 11.66 -16.82
CA VAL A 70 -31.80 12.09 -15.45
CA VAL A 70 -31.84 12.15 -15.47
C VAL A 70 -30.79 13.22 -15.10
C VAL A 70 -30.77 13.16 -14.99
N LEU A 71 -29.52 12.99 -15.41
CA LEU A 71 -28.47 14.02 -15.16
C LEU A 71 -28.87 15.37 -15.82
N LYS A 72 -29.45 15.29 -17.02
CA LYS A 72 -29.78 16.52 -17.78
C LYS A 72 -30.87 17.28 -17.04
N VAL A 73 -31.90 16.54 -16.64
CA VAL A 73 -33.00 17.14 -15.83
C VAL A 73 -32.50 17.79 -14.58
N SER A 74 -31.66 17.04 -13.86
CA SER A 74 -31.30 17.45 -12.50
C SER A 74 -30.30 18.59 -12.48
N THR A 75 -29.21 18.47 -13.25
CA THR A 75 -28.12 19.48 -13.21
C THR A 75 -27.56 19.88 -14.58
N GLY A 76 -28.18 19.39 -15.63
CA GLY A 76 -27.67 19.75 -16.98
C GLY A 76 -26.47 18.94 -17.41
N TRP A 77 -26.11 17.90 -16.66
CA TRP A 77 -24.97 16.99 -16.97
C TRP A 77 -25.39 15.86 -17.92
N GLU A 78 -24.41 15.17 -18.47
N GLU A 78 -24.40 15.16 -18.44
CA GLU A 78 -24.66 13.95 -19.23
CA GLU A 78 -24.65 13.96 -19.22
C GLU A 78 -23.49 13.01 -19.06
C GLU A 78 -23.49 12.99 -19.02
N CYS A 79 -23.74 11.72 -19.30
CA CYS A 79 -22.68 10.73 -19.36
C CYS A 79 -22.11 10.82 -20.76
N TYR A 80 -20.80 10.68 -20.91
CA TYR A 80 -20.16 10.86 -22.21
C TYR A 80 -19.26 9.66 -22.46
N PRO A 81 -19.62 8.82 -23.43
CA PRO A 81 -18.81 7.59 -23.68
C PRO A 81 -17.43 7.89 -24.18
N VAL A 82 -16.44 7.30 -23.54
CA VAL A 82 -15.03 7.53 -23.92
C VAL A 82 -14.30 6.18 -24.07
N PRO A 83 -13.12 6.19 -24.75
CA PRO A 83 -12.28 4.97 -24.63
C PRO A 83 -11.83 4.65 -23.19
N ALA A 84 -11.27 3.46 -23.01
CA ALA A 84 -10.94 2.95 -21.67
C ALA A 84 -9.83 3.78 -21.01
N LEU A 85 -9.01 4.42 -21.83
CA LEU A 85 -8.04 5.35 -21.26
C LEU A 85 -8.18 6.67 -21.99
N ILE A 86 -8.27 7.76 -21.24
CA ILE A 86 -8.20 9.11 -21.83
C ILE A 86 -7.16 9.90 -21.06
N GLY A 87 -6.60 10.93 -21.72
CA GLY A 87 -5.67 11.84 -21.05
C GLY A 87 -6.27 12.94 -20.16
N PHE A 88 -5.40 13.62 -19.43
CA PHE A 88 -5.84 14.70 -18.54
C PHE A 88 -6.58 15.81 -19.31
N GLY A 89 -6.03 16.16 -20.47
CA GLY A 89 -6.58 17.22 -21.29
C GLY A 89 -8.05 16.97 -21.56
N GLU A 90 -8.33 15.78 -22.11
CA GLU A 90 -9.71 15.39 -22.38
C GLU A 90 -10.59 15.35 -21.11
N PHE A 91 -10.04 14.77 -20.05
CA PHE A 91 -10.79 14.70 -18.77
C PHE A 91 -11.27 16.06 -18.21
N PHE A 92 -10.35 17.01 -18.05
CA PHE A 92 -10.69 18.37 -17.61
C PHE A 92 -11.68 19.03 -18.58
N ARG A 93 -11.40 18.91 -19.89
CA ARG A 93 -12.26 19.53 -20.84
C ARG A 93 -13.71 19.03 -20.75
N LEU A 94 -13.88 17.72 -20.73
CA LEU A 94 -15.23 17.15 -20.65
C LEU A 94 -15.91 17.57 -19.36
N LEU A 95 -15.21 17.45 -18.25
CA LEU A 95 -15.87 17.92 -17.04
C LEU A 95 -16.28 19.40 -17.10
N SER A 96 -15.43 20.26 -17.67
CA SER A 96 -15.71 21.68 -17.73
C SER A 96 -16.93 21.99 -18.61
N GLU A 97 -17.30 21.02 -19.46
CA GLU A 97 -18.50 21.11 -20.32
C GLU A 97 -19.69 20.28 -19.76
N LYS A 98 -19.54 19.84 -18.51
CA LYS A 98 -20.63 19.07 -17.83
C LYS A 98 -20.91 17.77 -18.60
N LYS A 99 -19.81 17.14 -19.03
CA LYS A 99 -19.84 15.80 -19.69
C LYS A 99 -19.00 14.91 -18.79
N PHE A 100 -19.63 13.89 -18.19
CA PHE A 100 -18.91 12.97 -17.33
C PHE A 100 -18.39 11.76 -18.10
N PRO A 101 -17.05 11.61 -18.20
CA PRO A 101 -16.57 10.51 -19.05
C PRO A 101 -16.85 9.14 -18.42
N VAL A 102 -17.33 8.24 -19.29
CA VAL A 102 -17.69 6.88 -18.89
C VAL A 102 -17.10 5.90 -19.92
N ALA A 103 -16.14 5.08 -19.51
CA ALA A 103 -15.66 3.98 -20.38
C ALA A 103 -16.70 2.84 -20.33
N THR A 104 -17.03 2.32 -21.50
CA THR A 104 -18.13 1.40 -21.62
C THR A 104 -17.63 -0.05 -21.61
N PHE A 105 -17.14 -0.45 -20.45
CA PHE A 105 -16.78 -1.85 -20.25
C PHE A 105 -17.09 -2.17 -18.80
N ILE A 106 -17.20 -3.45 -18.50
CA ILE A 106 -17.39 -3.93 -17.12
C ILE A 106 -16.27 -4.90 -16.80
N ARG A 107 -15.86 -4.91 -15.52
CA ARG A 107 -14.75 -5.78 -15.06
C ARG A 107 -14.98 -7.27 -15.36
N SER A 108 -13.87 -8.01 -15.43
CA SER A 108 -13.89 -9.47 -15.49
C SER A 108 -14.37 -10.11 -14.16
N ARG A 109 -14.76 -11.37 -14.25
CA ARG A 109 -15.03 -12.10 -13.00
C ARG A 109 -13.82 -12.19 -12.12
N GLU A 110 -12.65 -12.34 -12.73
CA GLU A 110 -11.43 -12.46 -11.92
C GLU A 110 -11.21 -11.18 -11.09
N GLU A 111 -11.61 -10.05 -11.67
CA GLU A 111 -11.35 -8.72 -11.02
C GLU A 111 -12.57 -8.14 -10.28
N MET A 112 -13.49 -9.02 -9.89
CA MET A 112 -14.72 -8.62 -9.26
C MET A 112 -14.50 -7.74 -8.02
N ASP A 113 -13.52 -8.12 -7.18
CA ASP A 113 -13.33 -7.41 -5.92
C ASP A 113 -12.51 -6.16 -6.01
N TYR A 114 -11.77 -5.99 -7.11
CA TYR A 114 -10.88 -4.83 -7.28
C TYR A 114 -10.32 -4.73 -8.69
N LEU A 115 -10.42 -3.56 -9.26
CA LEU A 115 -9.58 -3.25 -10.46
C LEU A 115 -9.15 -1.79 -10.40
N GLN A 116 -8.01 -1.51 -11.01
CA GLN A 116 -7.48 -0.17 -10.96
C GLN A 116 -8.25 0.79 -11.90
N GLU A 117 -8.69 0.26 -13.04
CA GLU A 117 -9.41 1.00 -14.08
C GLU A 117 -10.84 1.29 -13.65
N PRO A 118 -11.32 2.50 -13.90
CA PRO A 118 -12.72 2.76 -13.58
C PRO A 118 -13.65 2.10 -14.62
N ASP A 119 -14.41 1.07 -14.24
CA ASP A 119 -15.38 0.47 -15.17
C ASP A 119 -16.77 1.11 -15.04
N ILE A 120 -17.70 0.59 -15.81
CA ILE A 120 -19.01 1.23 -15.85
C ILE A 120 -19.78 1.15 -14.50
N PHE A 121 -19.58 0.09 -13.71
CA PHE A 121 -20.19 0.06 -12.39
C PHE A 121 -19.59 1.16 -11.50
N HIS A 122 -18.26 1.24 -11.46
CA HIS A 122 -17.61 2.33 -10.72
C HIS A 122 -18.15 3.72 -11.11
N GLU A 123 -18.23 4.02 -12.42
CA GLU A 123 -18.65 5.35 -12.82
C GLU A 123 -20.13 5.61 -12.52
N ILE A 124 -20.99 4.66 -12.90
CA ILE A 124 -22.44 4.90 -12.81
C ILE A 124 -22.98 4.73 -11.39
N PHE A 125 -22.56 3.67 -10.71
CA PHE A 125 -22.98 3.48 -9.33
C PHE A 125 -22.17 4.41 -8.40
N GLY A 126 -20.87 4.55 -8.65
CA GLY A 126 -20.07 5.30 -7.70
C GLY A 126 -20.19 6.81 -7.82
N HIS A 127 -20.15 7.35 -9.05
CA HIS A 127 -20.08 8.79 -9.18
C HIS A 127 -21.39 9.43 -9.68
N CYS A 128 -22.12 8.74 -10.57
CA CYS A 128 -23.28 9.42 -11.17
C CYS A 128 -24.39 9.85 -10.19
N PRO A 129 -24.63 9.08 -9.09
CA PRO A 129 -25.73 9.56 -8.21
C PRO A 129 -25.50 10.98 -7.68
N LEU A 130 -24.28 11.34 -7.35
CA LEU A 130 -24.02 12.67 -6.85
C LEU A 130 -24.00 13.72 -7.96
N LEU A 131 -23.87 13.30 -9.23
CA LEU A 131 -23.93 14.30 -10.31
C LEU A 131 -25.37 14.84 -10.51
N THR A 132 -26.33 14.23 -9.80
CA THR A 132 -27.70 14.80 -9.79
C THR A 132 -27.91 15.86 -8.70
N ASN A 133 -26.87 16.04 -7.87
CA ASN A 133 -26.86 17.00 -6.77
C ASN A 133 -26.22 18.29 -7.26
N SER A 134 -26.94 19.39 -7.10
N SER A 134 -26.91 19.42 -7.15
CA SER A 134 -26.46 20.64 -7.68
CA SER A 134 -26.36 20.65 -7.80
C SER A 134 -25.09 21.02 -7.17
C SER A 134 -25.06 21.13 -7.16
N SER A 135 -24.89 20.96 -5.86
CA SER A 135 -23.61 21.36 -5.25
C SER A 135 -22.48 20.52 -5.82
N PHE A 136 -22.68 19.20 -5.89
CA PHE A 136 -21.59 18.32 -6.27
C PHE A 136 -21.33 18.53 -7.78
N ALA A 137 -22.41 18.57 -8.57
CA ALA A 137 -22.25 18.75 -10.03
C ALA A 137 -21.59 20.07 -10.35
N ASN A 138 -22.07 21.17 -9.74
CA ASN A 138 -21.42 22.50 -10.00
C ASN A 138 -19.94 22.49 -9.57
N TYR A 139 -19.63 21.85 -8.43
CA TYR A 139 -18.21 21.70 -8.04
C TYR A 139 -17.40 20.96 -9.11
N THR A 140 -17.96 19.86 -9.63
CA THR A 140 -17.24 19.05 -10.62
C THR A 140 -17.00 19.84 -11.92
N GLU A 141 -17.99 20.62 -12.32
CA GLU A 141 -17.88 21.52 -13.45
C GLU A 141 -16.73 22.53 -13.17
N ALA A 142 -16.72 23.14 -11.98
CA ALA A 142 -15.67 24.11 -11.61
C ALA A 142 -14.32 23.41 -11.63
N TYR A 143 -14.24 22.19 -11.13
CA TYR A 143 -13.02 21.40 -11.18
C TYR A 143 -12.47 21.26 -12.61
N GLY A 144 -13.36 20.92 -13.54
CA GLY A 144 -12.95 20.84 -14.94
C GLY A 144 -12.38 22.15 -15.40
N LYS A 145 -13.06 23.24 -15.11
N LYS A 145 -13.02 23.26 -15.06
CA LYS A 145 -12.54 24.57 -15.50
CA LYS A 145 -12.55 24.61 -15.47
C LYS A 145 -11.14 24.82 -14.96
C LYS A 145 -11.25 25.07 -14.81
N MET A 146 -10.90 24.42 -13.70
CA MET A 146 -9.61 24.68 -13.02
C MET A 146 -8.46 24.16 -13.84
N GLY A 147 -8.68 23.04 -14.51
CA GLY A 147 -7.59 22.31 -15.15
C GLY A 147 -7.31 22.75 -16.57
N LEU A 148 -8.21 23.57 -17.16
CA LEU A 148 -8.09 23.88 -18.62
C LEU A 148 -6.80 24.55 -19.02
N ASN A 149 -6.29 25.40 -18.17
CA ASN A 149 -5.09 26.14 -18.55
C ASN A 149 -3.99 25.89 -17.57
N ALA A 150 -4.04 24.71 -16.95
CA ALA A 150 -3.11 24.32 -15.90
C ALA A 150 -1.84 23.74 -16.53
N THR A 151 -0.70 24.07 -15.93
CA THR A 151 0.56 23.47 -16.28
C THR A 151 0.61 22.03 -15.77
N LYS A 152 1.65 21.29 -16.17
CA LYS A 152 1.81 19.95 -15.62
C LYS A 152 1.85 19.93 -14.09
N GLU A 153 2.60 20.85 -13.49
CA GLU A 153 2.73 20.88 -12.03
C GLU A 153 1.39 21.23 -11.39
N GLN A 154 0.67 22.17 -12.00
CA GLN A 154 -0.62 22.54 -11.41
C GLN A 154 -1.60 21.37 -11.45
N ARG A 155 -1.56 20.61 -12.55
CA ARG A 155 -2.51 19.48 -12.72
C ARG A 155 -2.31 18.46 -11.61
N VAL A 156 -1.06 18.25 -11.16
CA VAL A 156 -0.80 17.26 -10.08
C VAL A 156 -1.47 17.71 -8.77
N PHE A 157 -1.44 19.01 -8.42
CA PHE A 157 -2.17 19.51 -7.22
C PHE A 157 -3.68 19.36 -7.44
N LEU A 158 -4.16 19.65 -8.65
CA LEU A 158 -5.59 19.54 -8.92
C LEU A 158 -6.05 18.05 -8.77
N ALA A 159 -5.28 17.09 -9.31
CA ALA A 159 -5.61 15.65 -9.16
C ALA A 159 -5.73 15.26 -7.68
N ARG A 160 -4.91 15.87 -6.83
CA ARG A 160 -4.96 15.63 -5.42
C ARG A 160 -6.26 16.15 -4.77
N LEU A 161 -6.63 17.36 -5.10
CA LEU A 161 -7.99 17.87 -4.70
C LEU A 161 -9.09 16.91 -5.16
N TYR A 162 -9.03 16.47 -6.41
CA TYR A 162 -10.01 15.48 -6.93
C TYR A 162 -10.02 14.18 -6.08
N TRP A 163 -8.84 13.63 -5.85
CA TRP A 163 -8.66 12.39 -5.13
C TRP A 163 -9.39 12.49 -3.75
N PHE A 164 -9.15 13.60 -3.01
CA PHE A 164 -9.62 13.65 -1.62
C PHE A 164 -11.03 14.15 -1.50
N THR A 165 -11.68 14.44 -2.65
CA THR A 165 -13.08 14.90 -2.69
C THR A 165 -13.95 13.92 -3.49
N ILE A 166 -13.89 14.06 -4.82
CA ILE A 166 -14.74 13.25 -5.69
C ILE A 166 -14.47 11.74 -5.53
N GLU A 167 -13.21 11.34 -5.33
CA GLU A 167 -12.90 9.90 -5.24
C GLU A 167 -13.04 9.35 -3.80
N PHE A 168 -12.40 10.04 -2.81
CA PHE A 168 -12.30 9.49 -1.43
C PHE A 168 -12.89 10.36 -0.38
N GLY A 169 -13.79 11.26 -0.77
CA GLY A 169 -14.37 12.15 0.25
C GLY A 169 -15.29 11.48 1.27
N LEU A 170 -15.19 11.96 2.51
CA LEU A 170 -16.10 11.57 3.59
C LEU A 170 -16.78 12.79 4.17
N LEU A 171 -17.84 12.52 4.93
CA LEU A 171 -18.59 13.56 5.68
C LEU A 171 -18.65 13.23 7.17
N ASP A 172 -18.50 14.29 7.96
CA ASP A 172 -18.72 14.28 9.41
C ASP A 172 -20.11 14.87 9.64
N THR A 173 -21.12 14.00 9.71
CA THR A 173 -22.52 14.44 9.74
C THR A 173 -23.08 14.32 11.15
N PRO A 174 -24.24 14.98 11.40
CA PRO A 174 -24.83 14.83 12.73
C PRO A 174 -25.24 13.38 13.10
N LYS A 175 -25.40 12.51 12.11
CA LYS A 175 -25.77 11.11 12.32
C LYS A 175 -24.57 10.15 12.27
N GLY A 176 -23.38 10.73 12.03
CA GLY A 176 -22.14 9.98 12.06
C GLY A 176 -21.37 10.13 10.76
N LEU A 177 -20.28 9.40 10.71
CA LEU A 177 -19.44 9.42 9.53
C LEU A 177 -20.16 8.80 8.33
N ARG A 178 -20.05 9.51 7.18
CA ARG A 178 -20.66 9.00 5.96
C ARG A 178 -19.74 9.25 4.77
N ILE A 179 -20.11 8.65 3.64
CA ILE A 179 -19.22 8.60 2.46
C ILE A 179 -19.84 9.42 1.30
N TYR A 180 -19.04 10.25 0.64
CA TYR A 180 -19.48 10.74 -0.71
C TYR A 180 -18.53 10.44 -1.85
N GLY A 181 -17.30 10.01 -1.52
CA GLY A 181 -16.36 9.68 -2.62
C GLY A 181 -16.76 8.40 -3.38
N GLY A 182 -16.72 8.51 -4.71
CA GLY A 182 -17.14 7.39 -5.57
C GLY A 182 -16.21 6.16 -5.55
N GLY A 183 -14.92 6.41 -5.28
CA GLY A 183 -13.94 5.34 -5.11
C GLY A 183 -14.23 4.45 -3.90
N VAL A 184 -14.84 5.08 -2.91
CA VAL A 184 -15.25 4.35 -1.72
C VAL A 184 -16.60 3.64 -1.97
N LEU A 185 -17.56 4.42 -2.51
N LEU A 185 -17.58 4.36 -2.50
CA LEU A 185 -18.96 4.01 -2.69
CA LEU A 185 -18.94 3.85 -2.53
C LEU A 185 -19.12 2.72 -3.47
C LEU A 185 -19.16 2.69 -3.49
N SER A 186 -18.27 2.52 -4.47
CA SER A 186 -18.44 1.44 -5.46
C SER A 186 -17.73 0.16 -5.04
N SER A 187 -17.03 0.20 -3.87
CA SER A 187 -16.13 -0.92 -3.44
C SER A 187 -16.44 -1.43 -2.01
N PRO A 188 -16.71 -2.73 -1.86
CA PRO A 188 -16.87 -3.22 -0.49
C PRO A 188 -15.60 -3.05 0.36
N GLY A 189 -14.43 -3.32 -0.22
CA GLY A 189 -13.13 -3.22 0.50
C GLY A 189 -12.90 -1.78 0.92
N GLU A 190 -13.14 -0.84 0.01
CA GLU A 190 -12.89 0.57 0.35
C GLU A 190 -13.92 1.07 1.37
N THR A 191 -15.17 0.64 1.26
CA THR A 191 -16.24 1.10 2.19
C THR A 191 -15.91 0.63 3.59
N ASP A 192 -15.56 -0.64 3.72
CA ASP A 192 -15.30 -1.14 5.09
C ASP A 192 -14.11 -0.44 5.73
N TYR A 193 -13.06 -0.22 4.97
CA TYR A 193 -11.88 0.40 5.52
C TYR A 193 -12.17 1.88 5.87
N ALA A 194 -12.75 2.65 4.95
CA ALA A 194 -13.00 4.07 5.22
C ALA A 194 -13.89 4.25 6.46
N MET A 195 -14.87 3.37 6.64
CA MET A 195 -15.83 3.52 7.74
C MET A 195 -15.32 2.99 9.05
N ASN A 196 -14.50 1.93 9.01
CA ASN A 196 -14.28 1.12 10.21
C ASN A 196 -12.81 1.04 10.64
N ASN A 197 -11.84 1.34 9.76
CA ASN A 197 -10.48 1.15 10.20
C ASN A 197 -10.18 2.04 11.41
N THR A 198 -9.53 1.41 12.38
N THR A 198 -9.59 1.46 12.44
CA THR A 198 -9.38 2.06 13.67
CA THR A 198 -9.46 2.23 13.68
C THR A 198 -8.39 3.21 13.58
C THR A 198 -8.35 3.27 13.62
N ASP A 199 -7.26 2.96 12.92
CA ASP A 199 -6.08 3.84 13.01
C ASP A 199 -5.91 4.90 11.94
N VAL A 200 -6.72 4.81 10.91
N VAL A 200 -6.73 4.81 10.89
CA VAL A 200 -6.59 5.74 9.81
CA VAL A 200 -6.72 5.80 9.79
C VAL A 200 -6.96 7.17 10.25
C VAL A 200 -6.94 7.20 10.31
N ASP A 201 -6.33 8.19 9.64
CA ASP A 201 -6.49 9.60 9.99
C ASP A 201 -7.69 10.14 9.24
N ARG A 202 -8.73 10.59 9.93
CA ARG A 202 -9.84 11.28 9.22
C ARG A 202 -9.82 12.70 9.70
N LYS A 203 -9.52 13.63 8.80
CA LYS A 203 -9.23 15.04 9.16
C LYS A 203 -10.33 15.95 8.61
N PRO A 204 -10.58 17.10 9.26
CA PRO A 204 -11.56 18.05 8.68
C PRO A 204 -10.98 18.61 7.36
N PHE A 205 -11.86 18.77 6.37
CA PHE A 205 -11.41 19.27 5.07
C PHE A 205 -10.77 20.68 5.22
N ASP A 206 -9.61 20.87 4.58
CA ASP A 206 -9.02 22.20 4.51
C ASP A 206 -8.34 22.19 3.14
N ILE A 207 -8.67 23.15 2.28
CA ILE A 207 -8.17 23.03 0.91
C ILE A 207 -6.64 23.07 0.83
N LEU A 208 -5.97 23.94 1.61
CA LEU A 208 -4.51 23.96 1.55
C LEU A 208 -3.93 22.62 2.03
N ASP A 209 -4.45 22.09 3.12
CA ASP A 209 -3.95 20.81 3.66
C ASP A 209 -4.13 19.75 2.59
N VAL A 210 -5.31 19.73 1.93
CA VAL A 210 -5.54 18.75 0.87
C VAL A 210 -4.51 18.85 -0.26
N LEU A 211 -4.26 20.10 -0.69
CA LEU A 211 -3.38 20.29 -1.84
C LEU A 211 -1.93 19.88 -1.49
N ARG A 212 -1.60 19.86 -0.21
CA ARG A 212 -0.26 19.50 0.22
C ARG A 212 -0.14 18.03 0.62
N THR A 213 -1.20 17.23 0.45
CA THR A 213 -1.15 15.85 0.98
C THR A 213 -0.69 14.85 -0.09
N PRO A 214 0.49 14.20 0.09
CA PRO A 214 0.83 13.19 -0.92
C PRO A 214 -0.05 11.95 -0.76
N TYR A 215 -0.24 11.27 -1.87
CA TYR A 215 -1.08 10.03 -1.87
C TYR A 215 -0.55 9.05 -2.91
N ARG A 216 -0.94 7.77 -2.71
CA ARG A 216 -0.60 6.70 -3.64
C ARG A 216 -1.87 5.96 -3.98
N ILE A 217 -2.01 5.53 -5.22
CA ILE A 217 -3.29 4.98 -5.61
C ILE A 217 -3.49 3.51 -5.26
N ASP A 218 -2.39 2.80 -5.02
CA ASP A 218 -2.51 1.35 -4.84
C ASP A 218 -2.28 0.89 -3.41
N ILE A 219 -2.48 1.82 -2.49
CA ILE A 219 -2.39 1.47 -1.05
C ILE A 219 -3.69 1.78 -0.36
N MET A 220 -3.90 1.18 0.83
CA MET A 220 -5.00 1.63 1.70
C MET A 220 -4.70 3.05 2.21
N GLN A 221 -5.64 3.94 1.99
CA GLN A 221 -5.37 5.34 2.21
C GLN A 221 -5.13 5.68 3.68
N PRO A 222 -4.00 6.31 4.01
CA PRO A 222 -3.78 6.60 5.45
C PRO A 222 -4.44 7.88 5.97
N ILE A 223 -4.97 8.67 5.02
CA ILE A 223 -5.67 9.92 5.36
C ILE A 223 -6.91 10.12 4.51
N TYR A 224 -8.00 10.53 5.16
CA TYR A 224 -9.20 10.99 4.47
C TYR A 224 -9.52 12.38 4.96
N TYR A 225 -10.19 13.16 4.14
CA TYR A 225 -10.72 14.46 4.54
C TYR A 225 -12.28 14.48 4.57
N MET A 226 -12.82 15.11 5.62
CA MET A 226 -14.26 15.15 5.87
C MET A 226 -14.82 16.57 5.65
N LEU A 227 -15.80 16.71 4.76
CA LEU A 227 -16.70 17.89 4.81
C LEU A 227 -17.76 17.63 5.91
N THR A 228 -18.64 18.60 6.18
N THR A 228 -18.60 18.62 6.21
CA THR A 228 -19.77 18.31 7.06
CA THR A 228 -19.76 18.37 7.04
C THR A 228 -21.02 17.97 6.26
C THR A 228 -20.91 17.82 6.18
N LYS A 229 -21.03 18.38 4.98
CA LYS A 229 -22.14 18.09 4.10
C LYS A 229 -21.66 18.36 2.66
N VAL A 230 -22.31 17.69 1.70
CA VAL A 230 -21.90 17.89 0.31
C VAL A 230 -21.92 19.36 -0.11
N SER A 231 -22.87 20.14 0.38
CA SER A 231 -22.96 21.56 -0.04
C SER A 231 -21.75 22.38 0.40
N ASP A 232 -20.93 21.81 1.31
CA ASP A 232 -19.68 22.50 1.68
C ASP A 232 -18.75 22.68 0.48
N LEU A 233 -18.98 21.87 -0.56
CA LEU A 233 -18.20 22.07 -1.78
C LEU A 233 -18.49 23.42 -2.45
N ASP A 234 -19.61 24.05 -2.14
CA ASP A 234 -19.93 25.38 -2.74
C ASP A 234 -18.80 26.38 -2.48
N GLU A 235 -18.16 26.30 -1.31
CA GLU A 235 -17.07 27.23 -1.04
C GLU A 235 -15.92 27.15 -2.08
N ILE A 236 -15.54 25.94 -2.49
N ILE A 236 -15.56 25.92 -2.47
CA ILE A 236 -14.44 25.81 -3.47
CA ILE A 236 -14.46 25.69 -3.38
C ILE A 236 -15.00 26.07 -4.88
C ILE A 236 -14.88 26.08 -4.80
N ARG A 237 -16.25 25.71 -5.06
N ARG A 237 -16.11 25.72 -5.17
CA ARG A 237 -16.93 25.96 -6.32
CA ARG A 237 -16.69 26.00 -6.47
C ARG A 237 -16.79 27.45 -6.61
C ARG A 237 -16.90 27.51 -6.67
N LYS A 238 -17.02 28.27 -5.59
CA LYS A 238 -17.17 29.74 -5.75
C LYS A 238 -15.87 30.47 -6.05
N PHE A 239 -14.73 29.87 -5.74
CA PHE A 239 -13.44 30.50 -6.05
C PHE A 239 -13.29 30.72 -7.55
N GLU A 240 -12.72 31.87 -7.95
CA GLU A 240 -12.28 31.97 -9.36
C GLU A 240 -11.11 31.06 -9.61
N VAL A 241 -10.90 30.68 -10.87
CA VAL A 241 -9.74 29.86 -11.24
C VAL A 241 -8.44 30.52 -10.74
N ASP A 242 -8.34 31.86 -10.87
CA ASP A 242 -7.13 32.56 -10.35
C ASP A 242 -6.89 32.33 -8.86
N ASP A 243 -8.00 32.30 -8.08
CA ASP A 243 -7.93 32.01 -6.63
C ASP A 243 -7.44 30.57 -6.38
N ILE A 244 -8.00 29.61 -7.12
CA ILE A 244 -7.51 28.22 -7.04
C ILE A 244 -6.02 28.17 -7.38
N MET A 245 -5.58 28.83 -8.47
CA MET A 245 -4.15 28.76 -8.78
C MET A 245 -3.23 29.44 -7.76
N GLU A 246 -3.73 30.49 -7.09
N GLU A 246 -3.75 30.45 -7.07
CA GLU A 246 -3.01 31.08 -5.92
CA GLU A 246 -3.02 31.06 -5.97
C GLU A 246 -2.84 30.07 -4.79
C GLU A 246 -2.89 30.11 -4.75
N LEU A 247 -3.88 29.26 -4.53
CA LEU A 247 -3.83 28.22 -3.50
C LEU A 247 -2.86 27.13 -3.95
N VAL A 248 -2.87 26.77 -5.27
CA VAL A 248 -1.93 25.81 -5.78
C VAL A 248 -0.51 26.38 -5.62
N ALA A 249 -0.31 27.68 -5.93
CA ALA A 249 1.01 28.28 -5.80
C ALA A 249 1.46 28.30 -4.34
N GLN A 250 0.52 28.46 -3.41
CA GLN A 250 0.82 28.41 -1.98
C GLN A 250 1.33 26.99 -1.55
N ALA A 251 0.58 25.96 -1.96
CA ALA A 251 1.03 24.58 -1.75
C ALA A 251 2.37 24.25 -2.39
N GLU A 252 2.60 24.72 -3.60
N GLU A 252 2.57 24.73 -3.62
CA GLU A 252 3.85 24.40 -4.21
CA GLU A 252 3.81 24.53 -4.37
C GLU A 252 5.00 25.10 -3.49
C GLU A 252 5.00 25.16 -3.65
N ALA A 253 4.77 26.38 -3.17
CA ALA A 253 5.82 27.11 -2.48
C ALA A 253 6.14 26.48 -1.12
N LEU A 254 5.10 26.08 -0.39
CA LEU A 254 5.31 25.40 0.92
C LEU A 254 5.91 24.00 0.79
N GLY A 255 5.70 23.36 -0.36
CA GLY A 255 6.06 21.95 -0.55
C GLY A 255 5.06 21.06 0.14
N LEU A 256 5.11 19.77 -0.14
CA LEU A 256 4.13 18.85 0.38
C LEU A 256 4.33 18.65 1.85
N HIS A 257 3.24 18.34 2.53
CA HIS A 257 3.28 17.83 3.89
C HIS A 257 4.16 16.55 3.93
N GLU A 258 4.80 16.30 5.06
CA GLU A 258 5.57 15.07 5.20
C GLU A 258 4.58 13.90 4.91
N ALA A 259 5.04 12.94 4.13
CA ALA A 259 4.21 11.79 3.74
C ALA A 259 3.99 10.90 4.96
N LYS A 260 2.79 10.28 5.06
CA LYS A 260 2.56 9.22 6.07
C LYS A 260 3.46 8.05 5.67
N PHE A 261 3.85 7.25 6.65
CA PHE A 261 4.76 6.13 6.41
C PHE A 261 4.35 5.21 5.20
N PRO A 262 3.05 4.81 5.10
CA PRO A 262 2.66 3.97 3.94
C PRO A 262 2.88 4.60 2.61
N VAL A 263 2.79 5.94 2.57
CA VAL A 263 3.10 6.64 1.32
C VAL A 263 4.58 6.58 0.99
N LYS A 264 5.40 6.77 2.01
CA LYS A 264 6.89 6.67 1.83
C LYS A 264 7.28 5.30 1.24
N LYS A 265 6.54 4.30 1.69
CA LYS A 265 6.86 2.91 1.37
C LYS A 265 6.43 2.49 -0.05
N ALA A 266 5.35 3.06 -0.59
CA ALA A 266 4.76 2.62 -1.83
C ALA A 266 5.74 2.78 -3.00
N SER A 267 5.71 1.80 -3.90
CA SER A 267 6.56 1.83 -5.12
C SER A 267 5.88 2.71 -6.15
N GLY B 4 27.76 10.46 -3.22
CA GLY B 4 27.37 9.66 -2.01
C GLY B 4 27.12 8.19 -2.32
N THR B 5 26.29 7.54 -1.51
CA THR B 5 26.03 6.09 -1.60
C THR B 5 25.18 5.65 -2.84
N LYS B 6 24.56 6.63 -3.51
CA LYS B 6 23.78 6.37 -4.73
C LYS B 6 24.70 6.24 -5.95
N TYR B 7 24.27 5.43 -6.91
CA TYR B 7 25.03 5.14 -8.15
C TYR B 7 26.30 4.29 -7.89
N VAL B 8 27.18 4.74 -6.99
CA VAL B 8 28.39 3.98 -6.60
C VAL B 8 28.35 3.56 -5.10
N SER B 9 27.84 2.36 -4.85
CA SER B 9 27.97 1.68 -3.54
C SER B 9 29.47 1.46 -3.23
N LYS B 10 29.81 1.26 -1.95
CA LYS B 10 31.24 1.17 -1.55
C LYS B 10 31.88 -0.19 -1.85
N VAL B 11 33.16 -0.17 -2.23
CA VAL B 11 33.94 -1.42 -2.32
C VAL B 11 35.02 -1.36 -1.23
N PRO B 12 35.13 -2.42 -0.44
CA PRO B 12 36.18 -2.50 0.59
C PRO B 12 37.56 -2.38 -0.10
N ASP B 13 38.50 -1.73 0.58
CA ASP B 13 39.91 -1.70 0.10
C ASP B 13 40.56 -3.07 0.26
N GLU B 14 41.85 -3.17 -0.02
CA GLU B 14 42.46 -4.48 -0.03
C GLU B 14 42.47 -5.12 1.37
N HIS B 15 42.28 -4.31 2.42
CA HIS B 15 42.24 -4.81 3.79
C HIS B 15 40.81 -5.05 4.27
N GLY B 16 39.84 -4.76 3.38
CA GLY B 16 38.43 -4.90 3.74
C GLY B 16 37.84 -3.66 4.40
N PHE B 17 38.59 -2.58 4.43
CA PHE B 17 38.14 -1.39 5.17
C PHE B 17 37.30 -0.52 4.25
N ILE B 18 36.18 -0.02 4.78
CA ILE B 18 35.35 0.94 4.05
C ILE B 18 35.44 2.31 4.72
N GLU B 19 35.72 3.32 3.89
CA GLU B 19 35.75 4.68 4.39
C GLU B 19 34.38 5.30 4.28
N TRP B 20 33.80 5.56 5.45
CA TRP B 20 32.48 6.16 5.53
C TRP B 20 32.69 7.63 5.86
N SER B 21 31.91 8.47 5.18
CA SER B 21 31.97 9.91 5.45
C SER B 21 31.38 10.30 6.79
N THR B 22 31.72 11.49 7.27
N THR B 22 31.72 11.50 7.25
CA THR B 22 31.14 12.02 8.51
CA THR B 22 31.16 12.11 8.46
C THR B 22 29.60 12.08 8.39
C THR B 22 29.63 12.09 8.37
N GLU B 23 29.11 12.44 7.20
CA GLU B 23 27.65 12.45 6.93
C GLU B 23 27.03 11.05 6.98
N GLU B 24 27.72 10.07 6.39
CA GLU B 24 27.22 8.68 6.46
C GLU B 24 27.19 8.19 7.91
N ASN B 25 28.21 8.52 8.69
CA ASN B 25 28.25 8.13 10.11
C ASN B 25 27.16 8.82 10.92
N LEU B 26 26.88 10.08 10.59
CA LEU B 26 25.80 10.81 11.24
C LEU B 26 24.44 10.18 10.90
N ILE B 27 24.24 9.74 9.66
CA ILE B 27 23.00 9.01 9.28
C ILE B 27 22.88 7.72 10.15
N TRP B 28 23.93 6.89 10.18
CA TRP B 28 23.92 5.76 11.12
C TRP B 28 23.54 6.14 12.56
N GLN B 29 24.13 7.20 13.09
CA GLN B 29 23.88 7.57 14.48
C GLN B 29 22.39 7.90 14.71
N GLU B 30 21.83 8.63 13.76
CA GLU B 30 20.42 9.05 13.85
C GLU B 30 19.51 7.85 13.77
N LEU B 31 19.78 6.96 12.81
CA LEU B 31 19.04 5.68 12.68
C LEU B 31 19.11 4.79 13.92
N PHE B 32 20.30 4.70 14.52
CA PHE B 32 20.55 3.86 15.68
C PHE B 32 19.84 4.45 16.88
N THR B 33 20.08 5.74 17.14
N THR B 33 20.09 5.73 17.13
CA THR B 33 19.50 6.35 18.35
CA THR B 33 19.49 6.41 18.30
C THR B 33 17.97 6.29 18.34
C THR B 33 17.98 6.26 18.31
N ARG B 34 17.36 6.60 17.18
CA ARG B 34 15.90 6.55 17.04
C ARG B 34 15.37 5.12 17.23
N GLN B 35 16.09 4.13 16.72
CA GLN B 35 15.58 2.76 16.79
C GLN B 35 15.76 2.16 18.16
N ILE B 36 16.88 2.45 18.82
CA ILE B 36 17.09 1.95 20.20
C ILE B 36 15.97 2.37 21.11
N ALA B 37 15.50 3.59 20.91
CA ALA B 37 14.31 4.04 21.63
C ALA B 37 13.02 3.31 21.18
N CYS B 38 12.84 3.08 19.88
CA CYS B 38 11.59 2.43 19.36
C CYS B 38 11.42 1.01 19.86
N ILE B 39 12.52 0.27 20.04
CA ILE B 39 12.40 -1.15 20.31
C ILE B 39 12.60 -1.58 21.76
N LYS B 40 12.73 -0.60 22.64
CA LYS B 40 12.98 -0.87 24.07
C LYS B 40 12.33 -2.11 24.69
N ASP B 41 10.98 -2.17 24.68
CA ASP B 41 10.14 -3.28 25.23
C ASP B 41 9.33 -3.99 24.09
N LYS B 42 9.91 -3.96 22.89
CA LYS B 42 9.21 -4.42 21.68
C LYS B 42 10.04 -5.48 21.00
N ALA B 43 11.35 -5.23 20.82
CA ALA B 43 12.22 -6.27 20.29
C ALA B 43 12.27 -7.41 21.32
N CYS B 44 12.27 -8.64 20.84
CA CYS B 44 12.32 -9.81 21.75
C CYS B 44 13.62 -9.85 22.56
N ASP B 45 13.56 -10.53 23.71
CA ASP B 45 14.72 -10.71 24.55
C ASP B 45 15.95 -11.27 23.80
N GLU B 46 15.69 -12.19 22.86
CA GLU B 46 16.80 -12.83 22.13
C GLU B 46 17.60 -11.81 21.33
N TYR B 47 16.87 -10.83 20.79
CA TYR B 47 17.46 -9.74 20.02
C TYR B 47 18.30 -8.83 20.95
N HIS B 48 17.74 -8.44 22.11
CA HIS B 48 18.49 -7.63 23.05
C HIS B 48 19.77 -8.35 23.53
N GLU B 49 19.68 -9.65 23.77
CA GLU B 49 20.87 -10.44 24.10
C GLU B 49 21.93 -10.31 22.98
N GLY B 50 21.48 -10.40 21.72
CA GLY B 50 22.37 -10.27 20.58
C GLY B 50 22.98 -8.89 20.47
N LEU B 51 22.23 -7.83 20.78
CA LEU B 51 22.85 -6.49 20.84
C LEU B 51 24.02 -6.43 21.87
N ALA B 52 23.82 -7.06 23.01
CA ALA B 52 24.82 -7.05 24.10
C ALA B 52 26.08 -7.79 23.60
N LYS B 53 25.89 -8.89 22.84
CA LYS B 53 27.03 -9.56 22.22
C LYS B 53 27.76 -8.76 21.15
N LEU B 54 27.04 -8.02 20.28
CA LEU B 54 27.68 -7.27 19.20
C LEU B 54 28.38 -6.01 19.67
N ASN B 55 27.83 -5.34 20.70
CA ASN B 55 28.35 -4.06 21.15
C ASN B 55 28.60 -3.13 19.96
N LEU B 56 27.56 -2.90 19.17
CA LEU B 56 27.65 -2.03 17.99
C LEU B 56 27.97 -0.58 18.40
N PRO B 57 28.72 0.13 17.53
CA PRO B 57 28.98 1.56 17.84
C PRO B 57 27.71 2.34 17.57
N THR B 58 27.43 3.34 18.41
CA THR B 58 26.22 4.14 18.26
C THR B 58 26.40 5.35 17.31
N ASP B 59 27.65 5.72 17.02
CA ASP B 59 27.95 6.98 16.34
C ASP B 59 28.72 6.87 15.03
N ARG B 60 28.98 5.65 14.58
CA ARG B 60 29.60 5.45 13.27
C ARG B 60 29.23 4.10 12.72
N ILE B 61 29.33 3.97 11.40
CA ILE B 61 29.09 2.66 10.78
C ILE B 61 30.22 1.65 11.13
N PRO B 62 29.89 0.46 11.71
CA PRO B 62 30.96 -0.46 12.02
C PRO B 62 31.57 -1.05 10.75
N GLN B 63 32.88 -1.37 10.81
CA GLN B 63 33.47 -2.20 9.78
C GLN B 63 32.87 -3.60 9.83
N LEU B 64 32.69 -4.21 8.66
CA LEU B 64 32.08 -5.56 8.59
C LEU B 64 32.86 -6.53 9.49
N ASP B 65 34.20 -6.42 9.52
CA ASP B 65 35.00 -7.33 10.37
C ASP B 65 34.68 -7.25 11.85
N GLU B 66 34.28 -6.06 12.31
CA GLU B 66 33.96 -5.91 13.73
C GLU B 66 32.66 -6.63 14.12
N VAL B 67 31.79 -6.79 13.12
CA VAL B 67 30.60 -7.57 13.36
C VAL B 67 30.87 -9.06 13.12
N SER B 68 31.53 -9.37 12.00
CA SER B 68 31.89 -10.76 11.65
C SER B 68 32.66 -11.46 12.76
N LYS B 69 33.61 -10.74 13.37
CA LYS B 69 34.39 -11.40 14.45
C LYS B 69 33.54 -11.92 15.58
N VAL B 70 32.42 -11.24 15.85
CA VAL B 70 31.52 -11.67 16.94
C VAL B 70 30.54 -12.75 16.45
N LEU B 71 30.06 -12.59 15.21
CA LEU B 71 29.25 -13.69 14.61
C LEU B 71 30.11 -15.00 14.53
N LYS B 72 31.40 -14.87 14.25
CA LYS B 72 32.24 -16.07 14.08
C LYS B 72 32.33 -16.82 15.41
N VAL B 73 32.56 -16.10 16.52
CA VAL B 73 32.67 -16.79 17.80
C VAL B 73 31.35 -17.26 18.36
N SER B 74 30.24 -16.61 18.03
CA SER B 74 28.94 -17.02 18.60
C SER B 74 28.31 -18.17 17.83
N THR B 75 28.26 -18.07 16.50
CA THR B 75 27.55 -19.10 15.71
C THR B 75 28.27 -19.53 14.43
N GLY B 76 29.48 -19.00 14.17
CA GLY B 76 30.20 -19.39 12.98
C GLY B 76 29.85 -18.60 11.73
N TRP B 77 28.97 -17.61 11.91
CA TRP B 77 28.56 -16.75 10.79
C TRP B 77 29.53 -15.64 10.50
N GLU B 78 29.41 -14.99 9.34
CA GLU B 78 30.14 -13.75 9.02
C GLU B 78 29.24 -12.85 8.16
N CYS B 79 29.57 -11.56 8.12
CA CYS B 79 28.92 -10.63 7.20
C CYS B 79 29.71 -10.72 5.90
N TYR B 80 29.02 -10.65 4.80
CA TYR B 80 29.66 -10.83 3.51
C TYR B 80 29.30 -9.65 2.66
N PRO B 81 30.28 -8.78 2.35
CA PRO B 81 29.99 -7.56 1.54
C PRO B 81 29.57 -7.86 0.11
N VAL B 82 28.52 -7.16 -0.34
CA VAL B 82 28.04 -7.25 -1.72
C VAL B 82 27.92 -5.81 -2.23
N PRO B 83 28.57 -5.50 -3.36
CA PRO B 83 28.53 -4.09 -3.78
C PRO B 83 27.35 -3.83 -4.68
N ALA B 84 26.74 -4.90 -5.20
CA ALA B 84 25.61 -4.80 -6.14
C ALA B 84 24.67 -6.01 -5.41
N LEU B 85 22.84 -5.86 -4.95
CA LEU B 85 21.93 -6.97 -5.23
C LEU B 85 22.57 -8.15 -5.99
N ILE B 86 22.39 -9.36 -5.45
CA ILE B 86 22.88 -10.62 -6.04
C ILE B 86 21.65 -11.47 -6.40
N GLY B 87 21.82 -12.50 -7.23
CA GLY B 87 20.70 -13.41 -7.59
C GLY B 87 20.22 -14.29 -6.45
N PHE B 88 19.02 -14.87 -6.61
CA PHE B 88 18.56 -15.90 -5.66
C PHE B 88 19.54 -17.04 -5.47
N GLY B 89 20.11 -17.57 -6.57
CA GLY B 89 21.03 -18.70 -6.44
C GLY B 89 22.20 -18.41 -5.50
N GLU B 90 22.79 -17.24 -5.70
CA GLU B 90 23.91 -16.80 -4.89
C GLU B 90 23.48 -16.47 -3.45
N PHE B 91 22.29 -15.89 -3.28
CA PHE B 91 21.81 -15.65 -1.92
C PHE B 91 21.69 -16.95 -1.10
N PHE B 92 21.03 -17.96 -1.67
CA PHE B 92 20.94 -19.27 -1.03
C PHE B 92 22.35 -19.87 -0.75
N ARG B 93 23.22 -19.80 -1.75
CA ARG B 93 24.58 -20.34 -1.58
C ARG B 93 25.28 -19.65 -0.41
N LEU B 94 25.24 -18.32 -0.38
CA LEU B 94 25.87 -17.61 0.77
C LEU B 94 25.31 -18.02 2.12
N LEU B 95 23.99 -17.99 2.27
N LEU B 95 23.98 -17.99 2.25
CA LEU B 95 23.42 -18.43 3.57
CA LEU B 95 23.38 -18.40 3.53
C LEU B 95 23.80 -19.86 3.91
C LEU B 95 23.78 -19.83 3.90
N SER B 96 23.85 -20.73 2.90
CA SER B 96 24.18 -22.14 3.17
C SER B 96 25.61 -22.28 3.69
N GLU B 97 26.43 -21.27 3.41
CA GLU B 97 27.83 -21.19 3.86
C GLU B 97 27.99 -20.29 5.09
N LYS B 98 26.87 -19.89 5.73
CA LYS B 98 26.91 -19.03 6.93
C LYS B 98 27.60 -17.69 6.63
N LYS B 99 27.30 -17.17 5.43
CA LYS B 99 27.71 -15.86 4.98
C LYS B 99 26.44 -15.03 4.73
N PHE B 100 26.27 -13.98 5.54
CA PHE B 100 25.08 -13.12 5.40
C PHE B 100 25.39 -11.90 4.53
N PRO B 101 24.73 -11.80 3.37
CA PRO B 101 25.11 -10.73 2.45
C PRO B 101 24.70 -9.34 3.00
N VAL B 102 25.63 -8.38 2.98
CA VAL B 102 25.35 -7.01 3.47
C VAL B 102 25.74 -6.05 2.35
N ALA B 103 24.77 -5.24 1.89
CA ALA B 103 25.06 -4.27 0.83
C ALA B 103 25.89 -3.14 1.45
N THR B 104 26.90 -2.70 0.71
CA THR B 104 27.89 -1.77 1.30
C THR B 104 27.52 -0.31 0.97
N PHE B 105 26.38 0.13 1.52
CA PHE B 105 25.92 1.50 1.34
C PHE B 105 24.98 1.82 2.52
N ILE B 106 24.83 3.11 2.82
CA ILE B 106 23.79 3.58 3.74
C ILE B 106 22.84 4.52 2.98
N ARG B 107 21.56 4.49 3.35
CA ARG B 107 20.56 5.38 2.77
C ARG B 107 20.99 6.87 2.80
N SER B 108 20.47 7.65 1.86
CA SER B 108 20.60 9.12 1.91
C SER B 108 19.78 9.73 3.06
N ARG B 109 20.10 10.96 3.46
CA ARG B 109 19.24 11.70 4.39
C ARG B 109 17.79 11.76 3.95
N GLU B 110 17.55 11.99 2.66
CA GLU B 110 16.20 12.10 2.16
C GLU B 110 15.39 10.82 2.44
N GLU B 111 16.06 9.65 2.39
CA GLU B 111 15.40 8.35 2.59
C GLU B 111 15.50 7.82 4.02
N MET B 112 15.81 8.67 4.98
N MET B 112 15.79 8.66 4.99
CA MET B 112 16.00 8.25 6.39
CA MET B 112 16.06 8.17 6.36
C MET B 112 14.92 7.25 6.82
C MET B 112 14.93 7.38 7.04
N ASP B 113 13.67 7.66 6.67
CA ASP B 113 12.54 6.94 7.26
C ASP B 113 12.15 5.67 6.53
N TYR B 114 12.58 5.50 5.27
CA TYR B 114 12.27 4.30 4.48
C TYR B 114 13.07 4.23 3.20
N LEU B 115 13.61 3.06 2.88
CA LEU B 115 14.01 2.74 1.50
C LEU B 115 13.79 1.30 1.20
N GLN B 116 13.50 1.01 -0.07
CA GLN B 116 13.10 -0.32 -0.48
C GLN B 116 14.31 -1.26 -0.51
N GLU B 117 15.45 -0.80 -1.00
CA GLU B 117 16.64 -1.67 -1.03
C GLU B 117 17.26 -1.78 0.38
N PRO B 118 17.51 -3.02 0.86
CA PRO B 118 18.09 -3.14 2.22
C PRO B 118 19.51 -2.57 2.31
N ASP B 119 19.72 -1.66 3.26
CA ASP B 119 21.02 -1.00 3.40
C ASP B 119 21.80 -1.57 4.59
N ILE B 120 22.97 -1.00 4.86
CA ILE B 120 23.84 -1.56 5.87
C ILE B 120 23.21 -1.46 7.26
N PHE B 121 22.41 -0.40 7.50
CA PHE B 121 21.70 -0.30 8.76
C PHE B 121 20.63 -1.41 8.92
N HIS B 122 19.79 -1.59 7.92
CA HIS B 122 18.83 -2.70 7.96
C HIS B 122 19.51 -4.04 8.31
N GLU B 123 20.62 -4.35 7.64
CA GLU B 123 21.22 -5.68 7.82
C GLU B 123 21.91 -5.78 9.16
N ILE B 124 22.74 -4.78 9.53
CA ILE B 124 23.52 -4.93 10.76
C ILE B 124 22.64 -4.71 12.01
N PHE B 125 21.80 -3.67 12.00
CA PHE B 125 20.93 -3.45 13.12
C PHE B 125 19.75 -4.43 13.14
N GLY B 126 19.13 -4.64 11.99
CA GLY B 126 17.94 -5.50 11.95
C GLY B 126 18.17 -7.00 12.11
N HIS B 127 19.21 -7.54 11.42
CA HIS B 127 19.44 -9.00 11.38
C HIS B 127 20.63 -9.52 12.21
N CYS B 128 21.73 -8.77 12.18
CA CYS B 128 22.96 -9.33 12.75
C CYS B 128 22.85 -9.65 14.27
N PRO B 129 22.13 -8.86 15.07
CA PRO B 129 22.08 -9.29 16.47
C PRO B 129 21.47 -10.69 16.68
N LEU B 130 20.50 -11.07 15.85
CA LEU B 130 19.96 -12.41 15.96
C LEU B 130 20.82 -13.52 15.35
N LEU B 131 21.78 -13.12 14.48
CA LEU B 131 22.70 -14.12 13.96
C LEU B 131 23.73 -14.58 15.01
N THR B 132 23.74 -13.90 16.18
CA THR B 132 24.54 -14.42 17.32
C THR B 132 23.76 -15.49 18.11
N ASN B 133 22.46 -15.64 17.82
CA ASN B 133 21.60 -16.59 18.50
C ASN B 133 21.62 -17.91 17.72
N SER B 134 21.89 -19.00 18.43
N SER B 134 21.93 -19.01 18.41
CA SER B 134 22.08 -20.30 17.76
CA SER B 134 22.10 -20.31 17.73
C SER B 134 20.85 -20.76 17.01
C SER B 134 20.84 -20.75 16.99
N SER B 135 19.68 -20.65 17.64
CA SER B 135 18.42 -21.07 16.94
C SER B 135 18.18 -20.25 15.66
N PHE B 136 18.36 -18.93 15.74
CA PHE B 136 18.05 -18.08 14.59
C PHE B 136 19.10 -18.32 13.49
N ALA B 137 20.40 -18.33 13.88
CA ALA B 137 21.51 -18.62 12.93
C ALA B 137 21.35 -19.99 12.23
N ASN B 138 21.06 -21.03 13.01
CA ASN B 138 20.95 -22.38 12.43
C ASN B 138 19.77 -22.43 11.47
N TYR B 139 18.68 -21.76 11.80
CA TYR B 139 17.50 -21.71 10.92
C TYR B 139 17.86 -21.01 9.60
N THR B 140 18.60 -19.91 9.68
CA THR B 140 19.01 -19.18 8.51
C THR B 140 19.91 -20.03 7.61
N GLU B 141 20.85 -20.73 8.22
CA GLU B 141 21.67 -21.66 7.44
C GLU B 141 20.80 -22.75 6.75
N ALA B 142 19.88 -23.33 7.48
CA ALA B 142 19.02 -24.39 6.95
C ALA B 142 18.18 -23.81 5.81
N TYR B 143 17.74 -22.55 5.95
CA TYR B 143 16.93 -21.92 4.93
C TYR B 143 17.77 -21.83 3.65
N GLY B 144 19.04 -21.40 3.80
CA GLY B 144 19.92 -21.32 2.64
C GLY B 144 20.05 -22.69 1.98
N LYS B 145 20.22 -23.74 2.78
CA LYS B 145 20.31 -25.09 2.20
C LYS B 145 19.02 -25.50 1.45
N MET B 146 17.86 -25.08 1.95
CA MET B 146 16.58 -25.42 1.30
C MET B 146 16.52 -24.91 -0.14
N GLY B 147 17.09 -23.75 -0.43
CA GLY B 147 16.99 -23.17 -1.78
C GLY B 147 18.00 -23.64 -2.80
N LEU B 148 19.07 -24.32 -2.36
CA LEU B 148 20.17 -24.63 -3.29
C LEU B 148 19.74 -25.40 -4.54
N ASN B 149 18.87 -26.39 -4.39
CA ASN B 149 18.35 -27.07 -5.59
C ASN B 149 16.89 -26.82 -5.88
N ALA B 150 16.34 -25.73 -5.34
CA ALA B 150 14.94 -25.41 -5.51
C ALA B 150 14.68 -24.94 -6.93
N THR B 151 13.50 -25.28 -7.43
CA THR B 151 13.02 -24.72 -8.69
C THR B 151 12.65 -23.25 -8.51
N LYS B 152 12.37 -22.57 -9.61
CA LYS B 152 11.86 -21.19 -9.59
C LYS B 152 10.60 -21.04 -8.72
N GLU B 153 9.62 -21.93 -8.87
CA GLU B 153 8.42 -21.81 -8.08
C GLU B 153 8.70 -22.19 -6.64
N GLN B 154 9.59 -23.15 -6.39
CA GLN B 154 9.84 -23.53 -5.00
C GLN B 154 10.53 -22.36 -4.26
N ARG B 155 11.40 -21.67 -4.98
CA ARG B 155 12.10 -20.50 -4.40
C ARG B 155 11.09 -19.38 -4.02
N VAL B 156 9.99 -19.23 -4.78
CA VAL B 156 8.90 -18.24 -4.47
C VAL B 156 8.31 -18.60 -3.08
N PHE B 157 8.05 -19.88 -2.85
CA PHE B 157 7.52 -20.35 -1.57
C PHE B 157 8.51 -20.15 -0.45
N LEU B 158 9.79 -20.42 -0.74
CA LEU B 158 10.83 -20.22 0.25
C LEU B 158 10.92 -18.73 0.63
N ALA B 159 10.97 -17.84 -0.36
CA ALA B 159 10.99 -16.39 -0.07
C ALA B 159 9.80 -15.92 0.82
N ARG B 160 8.66 -16.57 0.66
CA ARG B 160 7.43 -16.26 1.40
C ARG B 160 7.66 -16.67 2.86
N LEU B 161 8.22 -17.87 3.06
CA LEU B 161 8.60 -18.34 4.38
C LEU B 161 9.59 -17.36 5.06
N TYR B 162 10.59 -16.90 4.33
CA TYR B 162 11.62 -15.99 4.84
C TYR B 162 10.94 -14.67 5.23
N TRP B 163 10.01 -14.22 4.39
CA TRP B 163 9.33 -12.95 4.60
C TRP B 163 8.61 -12.96 5.96
N PHE B 164 7.87 -14.03 6.20
CA PHE B 164 7.08 -14.11 7.39
C PHE B 164 7.83 -14.51 8.66
N THR B 165 9.14 -14.80 8.56
CA THR B 165 9.96 -15.20 9.73
C THR B 165 11.10 -14.17 9.85
N ILE B 166 12.17 -14.37 9.10
CA ILE B 166 13.33 -13.48 9.20
C ILE B 166 13.01 -12.00 8.97
N GLU B 167 12.11 -11.68 8.01
CA GLU B 167 11.84 -10.27 7.77
C GLU B 167 10.74 -9.70 8.72
N PHE B 168 9.60 -10.37 8.84
CA PHE B 168 8.44 -9.81 9.57
C PHE B 168 7.91 -10.64 10.73
N GLY B 169 8.75 -11.54 11.23
CA GLY B 169 8.34 -12.38 12.35
C GLY B 169 8.06 -11.66 13.64
N LEU B 170 7.01 -12.11 14.31
CA LEU B 170 6.68 -11.63 15.63
C LEU B 170 6.68 -12.76 16.63
N LEU B 171 6.73 -12.40 17.91
CA LEU B 171 6.53 -13.40 19.00
C LEU B 171 5.31 -13.04 19.84
N ASP B 172 4.58 -14.10 20.22
CA ASP B 172 3.50 -13.96 21.21
C ASP B 172 4.00 -14.55 22.55
N THR B 173 4.37 -13.64 23.42
CA THR B 173 5.04 -13.98 24.68
C THR B 173 4.15 -13.71 25.89
N PRO B 174 4.47 -14.37 27.02
CA PRO B 174 3.70 -14.07 28.24
C PRO B 174 3.83 -12.60 28.70
N LYS B 175 4.84 -11.88 28.18
CA LYS B 175 5.00 -10.47 28.51
C LYS B 175 4.43 -9.54 27.43
N GLY B 176 3.77 -10.13 26.42
CA GLY B 176 3.12 -9.38 25.36
C GLY B 176 3.79 -9.66 24.01
N LEU B 177 3.37 -8.90 23.00
N LEU B 177 3.33 -8.95 22.97
CA LEU B 177 3.89 -9.06 21.64
CA LEU B 177 3.91 -9.09 21.63
C LEU B 177 5.31 -8.53 21.53
C LEU B 177 5.36 -8.65 21.66
N ARG B 178 6.18 -9.31 20.85
CA ARG B 178 7.57 -8.89 20.62
C ARG B 178 7.88 -9.12 19.15
N ILE B 179 9.06 -8.67 18.79
CA ILE B 179 9.53 -8.67 17.40
C ILE B 179 10.84 -9.42 17.18
N TYR B 180 10.87 -10.30 16.17
CA TYR B 180 12.17 -10.85 15.78
C TYR B 180 12.55 -10.57 14.32
N GLY B 181 11.56 -10.17 13.51
CA GLY B 181 11.80 -9.88 12.09
C GLY B 181 12.63 -8.59 11.84
N GLY B 182 13.70 -8.71 11.02
CA GLY B 182 14.61 -7.58 10.82
C GLY B 182 14.03 -6.37 10.08
N GLY B 183 13.06 -6.65 9.20
CA GLY B 183 12.33 -5.60 8.47
C GLY B 183 11.55 -4.71 9.41
N VAL B 184 11.13 -5.27 10.58
CA VAL B 184 10.39 -4.52 11.57
C VAL B 184 11.39 -3.83 12.49
N LEU B 185 12.42 -4.59 12.96
CA LEU B 185 13.39 -4.10 13.95
C LEU B 185 14.15 -2.87 13.51
N SER B 186 14.42 -2.76 12.22
CA SER B 186 15.22 -1.65 11.74
C SER B 186 14.42 -0.41 11.35
N SER B 187 13.10 -0.40 11.59
CA SER B 187 12.23 0.68 11.09
C SER B 187 11.27 1.17 12.18
N PRO B 188 11.27 2.47 12.47
CA PRO B 188 10.28 2.97 13.46
C PRO B 188 8.85 2.78 12.93
N GLY B 189 8.64 3.05 11.64
CA GLY B 189 7.25 2.94 11.08
C GLY B 189 6.75 1.49 11.13
N GLU B 190 7.61 0.54 10.77
CA GLU B 190 7.23 -0.87 10.88
C GLU B 190 7.05 -1.36 12.31
N THR B 191 7.88 -0.87 13.24
CA THR B 191 7.76 -1.29 14.63
C THR B 191 6.42 -0.80 15.24
N ASP B 192 6.09 0.47 14.97
CA ASP B 192 4.87 1.02 15.58
C ASP B 192 3.67 0.25 15.02
N TYR B 193 3.64 -0.02 13.73
CA TYR B 193 2.47 -0.62 13.09
C TYR B 193 2.34 -2.08 13.58
N ALA B 194 3.44 -2.82 13.60
CA ALA B 194 3.44 -4.22 14.04
C ALA B 194 3.00 -4.36 15.48
N MET B 195 3.39 -3.40 16.34
CA MET B 195 3.01 -3.52 17.76
C MET B 195 1.64 -2.98 18.03
N ASN B 196 1.26 -1.93 17.32
CA ASN B 196 0.12 -1.11 17.78
C ASN B 196 -1.12 -1.09 16.89
N ASN B 197 -0.97 -1.45 15.61
CA ASN B 197 -2.10 -1.25 14.69
C ASN B 197 -3.15 -2.26 15.07
N THR B 198 -4.38 -1.83 15.32
CA THR B 198 -5.26 -2.79 15.93
C THR B 198 -6.02 -3.68 14.91
N ASP B 199 -6.09 -3.30 13.63
CA ASP B 199 -6.87 -4.09 12.68
C ASP B 199 -6.09 -5.17 11.89
N VAL B 200 -4.79 -5.23 12.05
N VAL B 200 -4.79 -5.19 12.15
CA VAL B 200 -4.03 -6.24 11.31
CA VAL B 200 -3.85 -6.17 11.61
C VAL B 200 -4.30 -7.65 11.87
C VAL B 200 -4.14 -7.56 12.11
N ASP B 201 -4.04 -8.66 11.06
N ASP B 201 -4.14 -8.52 11.19
CA ASP B 201 -4.28 -10.04 11.47
CA ASP B 201 -4.30 -9.90 11.56
C ASP B 201 -3.00 -10.71 11.99
C ASP B 201 -2.92 -10.39 12.07
N ARG B 202 -2.88 -10.88 13.30
CA ARG B 202 -1.67 -11.50 13.86
C ARG B 202 -2.07 -12.93 14.22
N LYS B 203 -1.47 -13.88 13.51
CA LYS B 203 -1.87 -15.33 13.51
C LYS B 203 -0.77 -16.16 14.14
N PRO B 204 -1.14 -17.26 14.83
CA PRO B 204 -0.09 -18.17 15.28
C PRO B 204 0.68 -18.78 14.10
N PHE B 205 1.98 -18.96 14.25
CA PHE B 205 2.76 -19.53 13.15
C PHE B 205 2.24 -20.95 12.78
N ASP B 206 2.07 -21.22 11.49
CA ASP B 206 1.80 -22.54 11.00
C ASP B 206 2.40 -22.56 9.61
N ILE B 207 3.28 -23.51 9.37
CA ILE B 207 4.10 -23.44 8.17
C ILE B 207 3.24 -23.54 6.91
N LEU B 208 2.22 -24.41 6.93
CA LEU B 208 1.34 -24.52 5.76
C LEU B 208 0.58 -23.20 5.52
N ASP B 209 0.02 -22.59 6.56
CA ASP B 209 -0.65 -21.27 6.40
C ASP B 209 0.35 -20.26 5.76
N VAL B 210 1.59 -20.26 6.30
CA VAL B 210 2.59 -19.28 5.86
C VAL B 210 2.90 -19.51 4.38
N LEU B 211 3.16 -20.76 3.97
CA LEU B 211 3.47 -21.03 2.56
C LEU B 211 2.32 -20.65 1.58
N ARG B 212 1.09 -20.64 2.12
CA ARG B 212 -0.10 -20.31 1.32
C ARG B 212 -0.48 -18.82 1.31
N THR B 213 0.28 -17.95 2.00
CA THR B 213 -0.18 -16.55 2.17
C THR B 213 0.41 -15.60 1.10
N PRO B 214 -0.42 -15.03 0.22
CA PRO B 214 0.12 -14.05 -0.76
C PRO B 214 0.59 -12.83 0.01
N TYR B 215 1.62 -12.17 -0.48
CA TYR B 215 2.05 -10.92 0.21
C TYR B 215 2.66 -10.00 -0.85
N ARG B 216 2.77 -8.73 -0.46
CA ARG B 216 3.33 -7.68 -1.32
C ARG B 216 4.30 -6.88 -0.50
N ILE B 217 5.45 -6.55 -1.09
CA ILE B 217 6.51 -5.92 -0.28
C ILE B 217 6.33 -4.45 0.02
N ASP B 218 5.53 -3.78 -0.80
N ASP B 218 5.58 -3.72 -0.78
CA ASP B 218 5.38 -2.31 -0.83
CA ASP B 218 5.57 -2.27 -0.58
C ASP B 218 4.11 -1.79 -0.12
C ASP B 218 4.35 -1.73 0.18
N ILE B 219 3.53 -2.64 0.72
CA ILE B 219 2.31 -2.27 1.47
C ILE B 219 2.46 -2.53 3.00
N MET B 220 1.62 -1.89 3.83
CA MET B 220 1.57 -2.25 5.24
C MET B 220 0.98 -3.67 5.29
N GLN B 221 1.70 -4.56 5.96
CA GLN B 221 1.35 -5.95 5.98
C GLN B 221 -0.01 -6.21 6.67
N PRO B 222 -0.94 -6.87 5.95
CA PRO B 222 -2.23 -7.20 6.56
C PRO B 222 -2.18 -8.38 7.51
N ILE B 223 -1.11 -9.17 7.45
CA ILE B 223 -1.02 -10.42 8.21
C ILE B 223 0.42 -10.59 8.73
N TYR B 224 0.53 -10.96 10.02
CA TYR B 224 1.82 -11.39 10.63
C TYR B 224 1.64 -12.77 11.20
N TYR B 225 2.74 -13.51 11.26
CA TYR B 225 2.76 -14.81 11.96
C TYR B 225 3.63 -14.75 13.21
N MET B 226 3.14 -15.37 14.28
CA MET B 226 3.79 -15.31 15.59
C MET B 226 4.30 -16.67 16.05
N LEU B 227 5.58 -16.73 16.37
CA LEU B 227 6.12 -17.83 17.20
C LEU B 227 5.86 -17.48 18.67
N THR B 228 6.26 -18.37 19.58
N THR B 228 6.17 -18.42 19.58
CA THR B 228 6.24 -18.00 21.00
CA THR B 228 6.23 -18.08 21.00
C THR B 228 7.64 -17.66 21.54
C THR B 228 7.61 -17.49 21.35
N LYS B 229 8.68 -18.14 20.85
CA LYS B 229 10.08 -17.87 21.21
C LYS B 229 10.88 -18.09 19.93
N VAL B 230 12.03 -17.44 19.81
CA VAL B 230 12.90 -17.66 18.64
C VAL B 230 13.30 -19.12 18.49
N SER B 231 13.47 -19.83 19.61
CA SER B 231 13.87 -21.22 19.47
C SER B 231 12.76 -22.09 18.86
N ASP B 232 11.56 -21.53 18.67
CA ASP B 232 10.54 -22.26 17.85
C ASP B 232 10.99 -22.52 16.40
N LEU B 233 11.95 -21.73 15.93
CA LEU B 233 12.50 -21.98 14.59
C LEU B 233 13.21 -23.34 14.51
N ASP B 234 13.66 -23.87 15.64
CA ASP B 234 14.25 -25.23 15.63
C ASP B 234 13.40 -26.26 14.90
N GLU B 235 12.08 -26.22 15.07
CA GLU B 235 11.17 -27.17 14.37
C GLU B 235 11.29 -27.14 12.84
N ILE B 236 11.40 -25.94 12.27
CA ILE B 236 11.58 -25.81 10.83
C ILE B 236 13.02 -26.18 10.39
N ARG B 237 13.99 -25.78 11.19
CA ARG B 237 15.38 -26.04 10.89
C ARG B 237 15.61 -27.55 10.81
N LYS B 238 14.89 -28.30 11.63
CA LYS B 238 15.12 -29.74 11.71
C LYS B 238 14.59 -30.54 10.52
N PHE B 239 13.68 -29.96 9.72
CA PHE B 239 13.13 -30.68 8.57
C PHE B 239 14.24 -30.99 7.58
N GLU B 240 14.13 -32.13 6.90
CA GLU B 240 14.97 -32.33 5.73
C GLU B 240 14.41 -31.44 4.59
N VAL B 241 15.27 -31.15 3.60
CA VAL B 241 14.85 -30.36 2.43
C VAL B 241 13.69 -31.03 1.69
N ASP B 242 13.71 -32.36 1.56
CA ASP B 242 12.56 -33.06 1.01
C ASP B 242 11.26 -32.81 1.78
N ASP B 243 11.34 -32.72 3.12
CA ASP B 243 10.14 -32.43 3.94
C ASP B 243 9.60 -31.05 3.58
N ILE B 244 10.50 -30.07 3.49
CA ILE B 244 10.08 -28.72 3.08
C ILE B 244 9.38 -28.71 1.70
N MET B 245 9.93 -29.44 0.73
CA MET B 245 9.36 -29.48 -0.61
C MET B 245 8.02 -30.24 -0.63
N GLU B 246 7.87 -31.23 0.26
CA GLU B 246 6.55 -31.87 0.46
C GLU B 246 5.50 -30.84 0.93
N LEU B 247 5.89 -29.96 1.85
CA LEU B 247 4.99 -28.91 2.35
C LEU B 247 4.63 -27.91 1.25
N VAL B 248 5.59 -27.57 0.40
CA VAL B 248 5.36 -26.71 -0.76
C VAL B 248 4.33 -27.34 -1.72
N ALA B 249 4.54 -28.61 -2.07
CA ALA B 249 3.57 -29.37 -2.86
C ALA B 249 2.17 -29.43 -2.21
N GLN B 250 2.10 -29.59 -0.90
CA GLN B 250 0.80 -29.58 -0.23
C GLN B 250 0.13 -28.19 -0.37
N ALA B 251 0.90 -27.14 -0.11
CA ALA B 251 0.42 -25.79 -0.36
C ALA B 251 -0.13 -25.56 -1.78
N GLU B 252 0.59 -26.03 -2.81
CA GLU B 252 0.17 -25.93 -4.15
C GLU B 252 -1.11 -26.72 -4.44
N ALA B 253 -1.20 -27.93 -3.88
CA ALA B 253 -2.43 -28.73 -4.02
C ALA B 253 -3.67 -27.97 -3.46
N LEU B 254 -3.48 -27.26 -2.34
CA LEU B 254 -4.57 -26.49 -1.73
C LEU B 254 -4.81 -25.15 -2.39
N GLY B 255 -3.77 -24.66 -3.06
CA GLY B 255 -3.76 -23.31 -3.66
C GLY B 255 -3.50 -22.24 -2.60
N LEU B 256 -3.13 -21.05 -3.06
CA LEU B 256 -2.91 -19.94 -2.15
C LEU B 256 -4.18 -19.58 -1.43
N HIS B 257 -4.04 -19.09 -0.20
CA HIS B 257 -5.13 -18.42 0.51
C HIS B 257 -5.65 -17.29 -0.37
N GLU B 258 -6.95 -16.99 -0.23
CA GLU B 258 -7.45 -15.78 -0.91
C GLU B 258 -6.68 -14.58 -0.34
N ALA B 259 -6.28 -13.70 -1.23
CA ALA B 259 -5.56 -12.46 -0.83
C ALA B 259 -6.45 -11.56 0.03
N LYS B 260 -5.86 -10.88 1.01
CA LYS B 260 -6.56 -9.80 1.68
C LYS B 260 -6.75 -8.65 0.70
N PHE B 261 -7.78 -7.84 0.92
CA PHE B 261 -8.06 -6.75 -0.02
C PHE B 261 -6.82 -5.87 -0.34
N PRO B 262 -5.98 -5.49 0.68
CA PRO B 262 -4.79 -4.67 0.32
C PRO B 262 -3.85 -5.35 -0.65
N VAL B 263 -3.76 -6.68 -0.55
CA VAL B 263 -2.94 -7.44 -1.54
C VAL B 263 -3.57 -7.45 -2.95
N LYS B 264 -4.88 -7.56 -3.01
CA LYS B 264 -5.57 -7.47 -4.29
C LYS B 264 -5.31 -6.12 -4.96
N LYS B 265 -5.31 -5.06 -4.15
CA LYS B 265 -5.15 -3.69 -4.63
C LYS B 265 -3.73 -3.35 -5.00
N ALA B 266 -2.75 -4.00 -4.36
CA ALA B 266 -1.35 -3.65 -4.58
C ALA B 266 -0.89 -3.96 -6.00
N SER B 267 0.06 -3.18 -6.48
CA SER B 267 0.73 -3.52 -7.73
C SER B 267 1.61 -4.76 -7.59
N LEU B 268 1.05 -5.97 -8.79
CA LEU B 268 1.98 -7.11 -8.85
C LEU B 268 3.39 -6.61 -9.16
N GLU B 269 4.36 -7.21 -8.51
CA GLU B 269 5.77 -6.83 -8.64
C GLU B 269 6.59 -8.11 -8.86
N HIS B 270 7.46 -8.13 -9.86
CA HIS B 270 8.46 -9.21 -9.94
C HIS B 270 9.66 -8.91 -9.03
N HIS B 271 10.00 -9.85 -8.11
CA HIS B 271 11.26 -9.74 -7.32
C HIS B 271 12.37 -10.48 -8.05
N HIS B 272 13.36 -9.74 -8.58
CA HIS B 272 14.56 -10.35 -9.17
C HIS B 272 15.59 -10.79 -8.11
N HIS B 273 15.53 -10.16 -6.94
CA HIS B 273 16.51 -10.44 -5.88
C HIS B 273 15.83 -10.84 -4.58
N HIS B 274 16.57 -11.56 -3.74
CA HIS B 274 16.00 -12.08 -2.51
C HIS B 274 15.87 -11.00 -1.43
N HIS B 275 14.82 -11.07 -0.60
CA HIS B 275 14.71 -10.19 0.59
C HIS B 275 16.04 -10.03 1.36
FE FE C . -13.71 7.38 -9.84
S SO4 D . 4.78 19.82 7.09
O1 SO4 D . 4.81 18.30 7.24
O2 SO4 D . 5.49 20.38 8.25
O3 SO4 D . 5.50 20.16 5.87
O4 SO4 D . 3.44 20.38 7.18
FE FE E . 16.09 -8.05 5.77
S SO4 F . 33.33 -16.89 -1.36
O1 SO4 F . 32.10 -16.35 -2.02
O2 SO4 F . 34.46 -16.16 -1.97
O3 SO4 F . 33.31 -16.72 0.09
O4 SO4 F . 33.38 -18.36 -1.68
#